data_9FPT
#
_entry.id   9FPT
#
_cell.length_a   42.126
_cell.length_b   40.928
_cell.length_c   71.710
_cell.angle_alpha   90.00
_cell.angle_beta   103.99
_cell.angle_gamma   90.00
#
_symmetry.space_group_name_H-M   'P 1 21 1'
#
loop_
_entity.id
_entity.type
_entity.pdbx_description
1 polymer 'Carbonic anhydrase 2'
2 non-polymer 'ZINC ION'
3 non-polymer 'methyl 4-chloranyl-3-sulfamoyl-benzoate'
4 non-polymer 'SODIUM ION'
5 non-polymer 'DIMETHYL SULFOXIDE'
6 non-polymer BICINE
7 water water
#
_entity_poly.entity_id   1
_entity_poly.type   'polypeptide(L)'
_entity_poly.pdbx_seq_one_letter_code
;MSHHWGYGKHNGPEHWHKDFPIAKGERQSPVDIDTHTAKYDPSLKPLSVSYDQATSLRILNNGHAFNVEFDDSQDKAVLK
GGPLDGTYRLIQFHFHWGSLDGQGSEHTVDKKKYAAELHLVHWNTKYGDFGKAVQQPDGLAVLGIFLKVGSAKPGLQKVV
DVLDSIKTKGKSADFTNFDPRGLLPESLDYWTYPGSLTTPPLLECVTWIVLKEPISVSSEQVLKFRKLNFNGEGEPEELM
VDNWRPAQPLKNRQIKASFK
;
_entity_poly.pdbx_strand_id   A
#
loop_
_chem_comp.id
_chem_comp.type
_chem_comp.name
_chem_comp.formula
A1IEO non-polymer 'methyl 4-chloranyl-3-sulfamoyl-benzoate' 'C8 H8 Cl N O4 S'
BCN non-polymer BICINE 'C6 H13 N O4'
DMS non-polymer 'DIMETHYL SULFOXIDE' 'C2 H6 O S'
NA non-polymer 'SODIUM ION' 'Na 1'
ZN non-polymer 'ZINC ION' 'Zn 2'
#
# COMPACT_ATOMS: atom_id res chain seq x y z
N HIS A 3 -14.03 -16.96 -12.38
CA HIS A 3 -13.82 -15.57 -12.93
C HIS A 3 -13.76 -14.53 -11.80
N HIS A 4 -12.82 -14.80 -10.89
CA HIS A 4 -12.58 -13.91 -9.73
C HIS A 4 -11.85 -12.65 -10.25
N TRP A 5 -11.91 -11.61 -9.46
CA TRP A 5 -11.25 -10.33 -9.79
C TRP A 5 -9.74 -10.46 -9.89
N GLY A 6 -9.16 -9.55 -10.65
CA GLY A 6 -7.70 -9.54 -10.76
C GLY A 6 -7.30 -8.26 -11.49
N TYR A 7 -6.23 -8.36 -12.28
CA TYR A 7 -5.74 -7.25 -13.08
C TYR A 7 -5.70 -7.53 -14.60
N GLY A 8 -6.47 -8.49 -15.23
CA GLY A 8 -6.49 -8.62 -16.72
C GLY A 8 -7.64 -7.82 -17.34
N LYS A 9 -7.63 -7.90 -18.67
CA LYS A 9 -8.58 -7.21 -19.52
C LYS A 9 -10.02 -7.50 -19.11
N HIS A 10 -10.18 -8.74 -18.63
CA HIS A 10 -11.50 -9.30 -18.50
C HIS A 10 -11.85 -9.31 -17.04
N ASN A 11 -10.86 -9.07 -16.12
CA ASN A 11 -11.23 -9.12 -14.70
C ASN A 11 -10.59 -7.97 -13.90
N GLY A 12 -10.06 -6.98 -14.58
CA GLY A 12 -9.29 -5.95 -13.93
C GLY A 12 -10.19 -4.83 -13.43
N PRO A 13 -9.60 -3.72 -12.99
CA PRO A 13 -10.32 -2.64 -12.33
C PRO A 13 -11.64 -2.20 -12.94
N GLU A 14 -11.75 -2.13 -14.27
CA GLU A 14 -12.96 -1.63 -14.90
C GLU A 14 -14.13 -2.61 -14.72
N HIS A 15 -13.83 -3.84 -14.29
CA HIS A 15 -14.83 -4.88 -14.12
C HIS A 15 -15.29 -5.02 -12.64
N TRP A 16 -14.55 -4.43 -11.70
CA TRP A 16 -14.74 -4.78 -10.30
C TRP A 16 -16.11 -4.34 -9.79
N HIS A 17 -16.68 -3.30 -10.40
CA HIS A 17 -17.96 -2.80 -9.92
C HIS A 17 -19.10 -3.82 -10.03
N LYS A 18 -18.97 -4.84 -10.90
CA LYS A 18 -20.08 -5.78 -11.04
C LYS A 18 -20.14 -6.69 -9.82
N ASP A 19 -19.00 -7.09 -9.24
CA ASP A 19 -18.99 -7.86 -7.99
C ASP A 19 -19.02 -6.98 -6.74
N PHE A 20 -18.53 -5.73 -6.87
CA PHE A 20 -18.32 -4.87 -5.73
C PHE A 20 -18.82 -3.48 -6.11
N PRO A 21 -20.13 -3.24 -6.08
CA PRO A 21 -20.70 -1.97 -6.56
C PRO A 21 -20.17 -0.72 -5.89
N ILE A 22 -19.58 -0.89 -4.67
CA ILE A 22 -18.98 0.27 -4.02
C ILE A 22 -17.80 0.82 -4.83
N ALA A 23 -17.33 0.06 -5.86
CA ALA A 23 -16.29 0.55 -6.77
C ALA A 23 -16.61 1.96 -7.27
N LYS A 24 -17.93 2.26 -7.43
CA LYS A 24 -18.37 3.55 -7.97
C LYS A 24 -18.88 4.44 -6.83
N GLY A 25 -18.33 4.24 -5.62
CA GLY A 25 -18.79 4.92 -4.42
C GLY A 25 -18.21 6.33 -4.27
N GLU A 26 -18.51 6.93 -3.12
CA GLU A 26 -18.23 8.33 -2.92
C GLU A 26 -16.86 8.57 -2.31
N ARG A 27 -16.13 7.53 -1.86
CA ARG A 27 -14.81 7.79 -1.31
C ARG A 27 -13.86 6.65 -1.71
N GLN A 28 -13.73 6.46 -3.04
CA GLN A 28 -12.84 5.39 -3.54
C GLN A 28 -11.39 5.87 -3.68
N SER A 29 -10.48 4.92 -3.58
CA SER A 29 -9.05 5.18 -3.73
C SER A 29 -8.51 4.23 -4.77
N PRO A 30 -7.34 4.57 -5.37
CA PRO A 30 -6.55 5.78 -5.11
C PRO A 30 -7.13 7.01 -5.82
N VAL A 31 -6.41 8.11 -5.67
CA VAL A 31 -6.78 9.38 -6.34
C VAL A 31 -5.49 10.03 -6.83
N ASP A 32 -5.63 10.94 -7.78
CA ASP A 32 -4.56 11.83 -8.14
C ASP A 32 -4.47 12.92 -7.07
N ILE A 33 -3.26 13.19 -6.57
CA ILE A 33 -3.00 14.21 -5.59
C ILE A 33 -2.54 15.44 -6.37
N ASP A 34 -3.44 16.42 -6.47
CA ASP A 34 -3.14 17.67 -7.17
C ASP A 34 -2.46 18.57 -6.14
N THR A 35 -1.12 18.67 -6.22
CA THR A 35 -0.34 19.26 -5.13
C THR A 35 -0.65 20.73 -4.91
N HIS A 36 -1.14 21.41 -5.96
CA HIS A 36 -1.40 22.84 -5.87
C HIS A 36 -2.70 23.08 -5.13
N THR A 37 -3.68 22.15 -5.29
CA THR A 37 -4.98 22.30 -4.66
C THR A 37 -5.19 21.56 -3.33
N ALA A 38 -4.18 20.78 -2.91
CA ALA A 38 -4.20 20.24 -1.55
C ALA A 38 -4.14 21.42 -0.60
N LYS A 39 -4.90 21.34 0.48
CA LYS A 39 -4.98 22.41 1.45
C LYS A 39 -3.97 22.14 2.56
N TYR A 40 -3.07 23.08 2.84
CA TYR A 40 -2.20 23.00 4.00
C TYR A 40 -3.06 23.16 5.26
N ASP A 41 -2.87 22.25 6.21
CA ASP A 41 -3.67 22.30 7.41
C ASP A 41 -2.72 22.42 8.58
N PRO A 42 -2.49 23.65 9.12
CA PRO A 42 -1.44 23.83 10.13
C PRO A 42 -1.79 23.09 11.43
N SER A 43 -3.04 22.61 11.58
CA SER A 43 -3.42 21.87 12.78
C SER A 43 -3.09 20.36 12.70
N LEU A 44 -2.68 19.88 11.51
CA LEU A 44 -2.31 18.48 11.37
C LEU A 44 -1.03 18.23 12.17
N LYS A 45 -0.96 17.10 12.88
CA LYS A 45 0.16 16.81 13.79
C LYS A 45 1.20 16.01 13.01
N PRO A 46 2.46 15.99 13.49
CA PRO A 46 3.46 15.10 12.88
C PRO A 46 2.93 13.69 12.99
N LEU A 47 3.24 12.84 11.99
CA LEU A 47 2.88 11.45 12.08
C LEU A 47 3.81 10.79 13.11
N SER A 48 3.26 9.90 13.91
CA SER A 48 4.02 9.08 14.85
C SER A 48 4.07 7.65 14.36
N VAL A 49 5.25 7.24 13.95
CA VAL A 49 5.48 5.88 13.47
C VAL A 49 6.36 5.20 14.50
N SER A 50 5.83 4.20 15.18
CA SER A 50 6.56 3.55 16.25
C SER A 50 6.69 2.09 15.88
N TYR A 51 7.78 1.76 15.19
CA TYR A 51 7.98 0.44 14.62
C TYR A 51 9.12 -0.31 15.29
N ASP A 52 9.68 0.23 16.39
CA ASP A 52 10.79 -0.36 17.12
C ASP A 52 10.50 -1.80 17.58
N GLN A 53 9.28 -2.15 17.94
CA GLN A 53 9.08 -3.52 18.45
C GLN A 53 8.31 -4.39 17.45
N ALA A 54 8.38 -4.04 16.19
CA ALA A 54 7.61 -4.78 15.19
C ALA A 54 8.11 -6.22 15.14
N THR A 55 7.17 -7.13 14.96
CA THR A 55 7.43 -8.56 14.83
C THR A 55 6.89 -9.07 13.50
N SER A 56 7.73 -9.11 12.46
CA SER A 56 7.24 -9.70 11.23
C SER A 56 7.14 -11.19 11.48
N LEU A 57 6.29 -11.86 10.75
CA LEU A 57 6.11 -13.29 10.97
C LEU A 57 6.31 -14.07 9.68
N ARG A 58 5.76 -13.53 8.58
CA ARG A 58 5.66 -14.39 7.42
C ARG A 58 5.45 -13.52 6.16
N ILE A 59 5.82 -14.06 4.98
CA ILE A 59 5.59 -13.37 3.73
C ILE A 59 4.78 -14.34 2.85
N LEU A 60 3.77 -13.76 2.19
CA LEU A 60 2.80 -14.55 1.48
C LEU A 60 2.58 -13.97 0.07
N ASN A 61 2.54 -14.82 -0.96
CA ASN A 61 2.05 -14.47 -2.30
C ASN A 61 0.55 -14.80 -2.27
N ASN A 62 -0.32 -13.76 -2.32
CA ASN A 62 -1.74 -14.00 -2.24
C ASN A 62 -2.43 -14.00 -3.60
N GLY A 63 -1.62 -13.99 -4.64
CA GLY A 63 -2.15 -14.03 -5.99
C GLY A 63 -2.41 -12.62 -6.58
N HIS A 64 -2.24 -11.58 -5.76
CA HIS A 64 -2.47 -10.20 -6.23
C HIS A 64 -1.24 -9.35 -5.94
N ALA A 65 -0.53 -9.69 -4.89
CA ALA A 65 0.66 -8.99 -4.44
C ALA A 65 1.37 -9.97 -3.51
N PHE A 66 2.41 -9.50 -2.82
CA PHE A 66 2.88 -10.30 -1.69
C PHE A 66 2.69 -9.45 -0.41
N ASN A 67 2.31 -10.09 0.71
CA ASN A 67 2.17 -9.37 1.98
C ASN A 67 3.25 -9.82 2.95
N VAL A 68 3.88 -8.87 3.62
CA VAL A 68 4.72 -9.17 4.79
C VAL A 68 3.85 -8.92 6.00
N GLU A 69 3.57 -9.98 6.76
CA GLU A 69 2.60 -9.90 7.86
C GLU A 69 3.32 -9.79 9.17
N PHE A 70 2.62 -9.12 10.06
CA PHE A 70 3.14 -8.82 11.38
C PHE A 70 2.23 -9.41 12.48
N ASP A 71 2.84 -9.65 13.65
CA ASP A 71 2.03 -9.96 14.82
C ASP A 71 1.37 -8.67 15.31
N ASP A 72 0.07 -8.61 15.20
CA ASP A 72 -0.69 -7.43 15.58
C ASP A 72 -1.60 -7.77 16.78
N SER A 73 -1.11 -8.68 17.65
CA SER A 73 -1.86 -9.09 18.85
C SER A 73 -1.45 -8.27 20.07
N GLN A 74 -0.54 -7.29 19.93
CA GLN A 74 -0.15 -6.32 20.95
C GLN A 74 0.23 -5.05 20.23
N ASP A 75 0.39 -3.93 20.99
CA ASP A 75 0.77 -2.63 20.44
C ASP A 75 2.29 -2.65 20.32
N LYS A 76 2.77 -3.22 19.24
CA LYS A 76 4.20 -3.35 18.93
C LYS A 76 4.67 -2.44 17.77
N ALA A 77 3.84 -2.30 16.78
CA ALA A 77 4.20 -1.49 15.60
C ALA A 77 2.94 -0.64 15.31
N VAL A 78 2.93 0.62 15.75
CA VAL A 78 1.71 1.42 15.71
C VAL A 78 1.96 2.76 15.03
N LEU A 79 0.90 3.21 14.37
CA LEU A 79 0.81 4.51 13.76
C LEU A 79 -0.19 5.31 14.60
N LYS A 80 0.17 6.53 14.89
CA LYS A 80 -0.75 7.47 15.54
C LYS A 80 -0.36 8.90 15.17
N GLY A 81 -1.06 9.89 15.75
CA GLY A 81 -0.84 11.27 15.41
C GLY A 81 -1.21 11.53 13.97
N GLY A 82 -0.49 12.46 13.35
CA GLY A 82 -0.85 12.81 12.00
C GLY A 82 -2.30 13.29 12.01
N PRO A 83 -3.16 12.79 11.08
CA PRO A 83 -4.58 13.15 11.10
C PRO A 83 -5.46 12.24 11.99
N LEU A 84 -4.84 11.28 12.68
CA LEU A 84 -5.59 10.21 13.30
C LEU A 84 -5.97 10.59 14.72
N ASP A 85 -7.06 10.01 15.22
CA ASP A 85 -7.44 10.09 16.66
C ASP A 85 -7.14 8.70 17.23
N GLY A 86 -6.32 8.50 18.27
CA GLY A 86 -6.16 7.07 18.57
C GLY A 86 -5.10 6.29 17.74
N THR A 87 -5.08 4.96 17.87
CA THR A 87 -3.86 4.16 17.66
C THR A 87 -4.23 3.05 16.71
N TYR A 88 -3.32 2.89 15.74
CA TYR A 88 -3.58 1.91 14.69
C TYR A 88 -2.38 0.94 14.61
N ARG A 89 -2.67 -0.34 14.58
CA ARG A 89 -1.65 -1.38 14.66
C ARG A 89 -1.35 -1.86 13.27
N LEU A 90 -0.04 -2.02 12.98
CA LEU A 90 0.40 -2.55 11.70
C LEU A 90 0.06 -4.03 11.63
N ILE A 91 -0.61 -4.42 10.54
CA ILE A 91 -0.94 -5.82 10.29
C ILE A 91 -0.15 -6.38 9.12
N GLN A 92 0.08 -5.60 8.05
CA GLN A 92 0.86 -6.11 6.91
C GLN A 92 1.31 -4.93 6.08
N PHE A 93 2.35 -5.19 5.24
CA PHE A 93 2.59 -4.30 4.12
C PHE A 93 2.66 -5.11 2.85
N HIS A 94 2.47 -4.36 1.72
CA HIS A 94 2.59 -4.93 0.40
C HIS A 94 2.87 -3.78 -0.57
N PHE A 95 3.07 -4.11 -1.82
CA PHE A 95 3.36 -3.11 -2.84
C PHE A 95 2.44 -3.36 -4.02
N HIS A 96 2.35 -2.28 -4.85
CA HIS A 96 1.81 -2.37 -6.18
C HIS A 96 2.90 -1.86 -7.15
N TRP A 97 3.04 -2.50 -8.31
CA TRP A 97 4.13 -2.10 -9.22
C TRP A 97 3.74 -2.36 -10.64
N GLY A 98 4.58 -1.85 -11.56
CA GLY A 98 4.26 -1.87 -12.98
C GLY A 98 5.08 -2.90 -13.75
N SER A 99 4.70 -3.03 -15.03
CA SER A 99 5.50 -3.81 -15.98
C SER A 99 6.71 -3.02 -16.49
N LEU A 100 6.75 -1.72 -16.24
CA LEU A 100 7.76 -0.77 -16.69
C LEU A 100 7.95 0.26 -15.62
N ASP A 101 9.10 0.92 -15.58
CA ASP A 101 9.38 1.87 -14.50
C ASP A 101 8.46 3.06 -14.53
N GLY A 102 7.89 3.38 -15.70
CA GLY A 102 6.99 4.53 -15.81
C GLY A 102 5.57 4.35 -15.28
N GLN A 103 5.23 3.22 -14.66
CA GLN A 103 3.90 3.07 -14.07
C GLN A 103 4.03 2.09 -12.93
N GLY A 104 2.96 2.01 -12.11
CA GLY A 104 2.95 1.04 -11.01
C GLY A 104 2.31 1.60 -9.77
N SER A 105 2.46 2.91 -9.49
CA SER A 105 1.82 3.46 -8.31
C SER A 105 0.31 3.56 -8.52
N GLU A 106 -0.38 3.56 -7.42
CA GLU A 106 -1.87 3.67 -7.40
C GLU A 106 -2.21 5.16 -7.25
N HIS A 107 -1.74 5.83 -6.19
CA HIS A 107 -1.83 7.26 -6.18
C HIS A 107 -0.89 7.86 -7.22
N THR A 108 -1.24 9.06 -7.71
CA THR A 108 -0.40 9.84 -8.58
C THR A 108 -0.24 11.20 -7.96
N VAL A 109 0.79 11.91 -8.40
CA VAL A 109 1.09 13.24 -7.85
C VAL A 109 1.14 14.18 -9.07
N ASP A 110 0.17 15.09 -9.18
CA ASP A 110 0.06 15.92 -10.39
C ASP A 110 0.19 15.04 -11.64
N LYS A 111 -0.51 13.91 -11.64
CA LYS A 111 -0.66 12.91 -12.70
C LYS A 111 0.62 12.09 -12.88
N LYS A 112 1.71 12.34 -12.10
CA LYS A 112 2.90 11.52 -12.20
C LYS A 112 2.65 10.15 -11.54
N LYS A 113 3.01 9.12 -12.30
N LYS A 113 2.97 9.09 -12.28
CA LYS A 113 3.06 7.75 -11.83
CA LYS A 113 2.98 7.71 -11.80
C LYS A 113 4.47 7.41 -11.39
C LYS A 113 4.39 7.26 -11.44
N TYR A 114 4.55 6.77 -10.21
CA TYR A 114 5.81 6.20 -9.74
C TYR A 114 5.91 4.74 -10.17
N ALA A 115 7.12 4.18 -10.05
CA ALA A 115 7.35 2.80 -10.44
C ALA A 115 6.61 1.81 -9.53
N ALA A 116 6.36 2.19 -8.27
CA ALA A 116 5.69 1.30 -7.36
C ALA A 116 5.18 2.14 -6.19
N GLU A 117 4.37 1.45 -5.35
CA GLU A 117 3.86 2.13 -4.15
C GLU A 117 3.79 1.09 -3.04
N LEU A 118 4.32 1.45 -1.89
CA LEU A 118 4.28 0.60 -0.69
C LEU A 118 3.08 1.02 0.16
N HIS A 119 2.30 0.04 0.65
CA HIS A 119 1.17 0.31 1.54
C HIS A 119 1.44 -0.42 2.86
N LEU A 120 1.61 0.34 3.94
CA LEU A 120 1.65 -0.25 5.30
C LEU A 120 0.27 -0.08 5.91
N VAL A 121 -0.36 -1.24 6.14
CA VAL A 121 -1.79 -1.30 6.51
C VAL A 121 -1.91 -1.43 8.03
N HIS A 122 -2.70 -0.53 8.61
CA HIS A 122 -2.87 -0.51 10.06
C HIS A 122 -4.36 -0.46 10.40
N TRP A 123 -4.77 -1.10 11.49
CA TRP A 123 -6.18 -1.08 11.90
C TRP A 123 -6.35 -0.40 13.25
N ASN A 124 -7.51 0.24 13.40
CA ASN A 124 -7.78 1.04 14.60
C ASN A 124 -8.06 0.14 15.78
N THR A 125 -7.26 0.28 16.84
CA THR A 125 -7.40 -0.62 17.98
C THR A 125 -8.78 -0.58 18.64
N LYS A 126 -9.53 0.57 18.44
CA LYS A 126 -10.84 0.60 19.09
C LYS A 126 -11.77 -0.47 18.51
N TYR A 127 -11.41 -1.13 17.40
CA TYR A 127 -12.30 -2.14 16.79
C TYR A 127 -11.82 -3.56 17.02
N GLY A 128 -10.68 -3.70 17.70
CA GLY A 128 -10.32 -5.01 18.25
C GLY A 128 -9.62 -5.93 17.26
N ASP A 129 -9.99 -5.92 15.95
CA ASP A 129 -9.25 -6.69 14.98
C ASP A 129 -9.48 -6.08 13.60
N PHE A 130 -8.70 -6.54 12.62
CA PHE A 130 -8.78 -6.00 11.27
C PHE A 130 -10.14 -6.27 10.62
N GLY A 131 -10.70 -7.47 10.82
CA GLY A 131 -11.95 -7.81 10.15
C GLY A 131 -13.12 -6.96 10.64
N LYS A 132 -13.11 -6.56 11.89
CA LYS A 132 -14.14 -5.64 12.34
C LYS A 132 -13.81 -4.22 11.91
N ALA A 133 -12.52 -3.85 11.94
CA ALA A 133 -12.15 -2.49 11.55
C ALA A 133 -12.58 -2.16 10.13
N VAL A 134 -12.49 -3.10 9.19
CA VAL A 134 -12.79 -2.72 7.79
C VAL A 134 -14.26 -2.38 7.60
N GLN A 135 -15.13 -2.74 8.56
N GLN A 135 -15.09 -2.69 8.61
CA GLN A 135 -16.54 -2.37 8.43
CA GLN A 135 -16.52 -2.40 8.55
C GLN A 135 -16.84 -1.00 9.09
C GLN A 135 -16.83 -0.96 8.97
N GLN A 136 -15.80 -0.22 9.37
CA GLN A 136 -15.99 1.07 10.03
C GLN A 136 -15.35 2.18 9.20
N PRO A 137 -15.93 3.39 9.22
CA PRO A 137 -15.46 4.47 8.34
C PRO A 137 -14.06 4.98 8.73
N ASP A 138 -13.64 4.73 9.99
CA ASP A 138 -12.32 5.12 10.47
C ASP A 138 -11.53 3.86 10.92
N GLY A 139 -11.78 2.75 10.22
CA GLY A 139 -11.21 1.50 10.66
C GLY A 139 -9.71 1.33 10.37
N LEU A 140 -9.24 1.82 9.20
CA LEU A 140 -7.87 1.56 8.78
C LEU A 140 -7.17 2.90 8.58
N ALA A 141 -5.82 2.81 8.72
CA ALA A 141 -4.95 3.90 8.29
C ALA A 141 -3.87 3.24 7.45
N VAL A 142 -3.75 3.66 6.17
CA VAL A 142 -2.74 3.12 5.30
C VAL A 142 -1.71 4.21 5.03
N LEU A 143 -0.44 3.86 5.33
CA LEU A 143 0.66 4.75 5.03
C LEU A 143 1.19 4.31 3.66
N GLY A 144 1.09 5.25 2.70
CA GLY A 144 1.53 5.01 1.32
C GLY A 144 2.84 5.74 1.04
N ILE A 145 3.75 4.97 0.41
CA ILE A 145 5.09 5.52 0.16
C ILE A 145 5.42 5.19 -1.29
N PHE A 146 5.78 6.20 -2.08
CA PHE A 146 6.11 5.97 -3.50
C PHE A 146 7.53 5.41 -3.63
N LEU A 147 7.74 4.62 -4.66
CA LEU A 147 9.07 4.08 -5.02
C LEU A 147 9.43 4.61 -6.41
N LYS A 148 10.60 5.23 -6.50
CA LYS A 148 11.22 5.56 -7.79
C LYS A 148 12.45 4.70 -7.99
N VAL A 149 12.81 4.49 -9.24
CA VAL A 149 13.98 3.69 -9.54
C VAL A 149 15.23 4.58 -9.57
N GLY A 150 16.25 4.16 -8.83
CA GLY A 150 17.53 4.90 -8.79
C GLY A 150 18.50 4.09 -7.96
N SER A 151 19.03 4.67 -6.87
N SER A 151 18.90 4.66 -6.82
CA SER A 151 19.89 3.87 -5.98
CA SER A 151 19.73 3.91 -5.88
C SER A 151 19.05 2.84 -5.19
C SER A 151 18.94 2.74 -5.27
N ALA A 152 19.67 1.69 -4.86
CA ALA A 152 19.03 0.64 -4.13
C ALA A 152 18.57 1.11 -2.75
N LYS A 153 17.51 0.43 -2.24
CA LYS A 153 17.11 0.64 -0.86
C LYS A 153 17.62 -0.57 -0.07
N PRO A 154 18.65 -0.37 0.75
CA PRO A 154 19.25 -1.54 1.39
C PRO A 154 18.25 -2.28 2.27
N GLY A 155 17.33 -1.55 2.93
CA GLY A 155 16.38 -2.17 3.84
C GLY A 155 15.28 -2.95 3.11
N LEU A 156 15.21 -2.84 1.78
CA LEU A 156 14.31 -3.64 0.99
C LEU A 156 14.90 -5.00 0.61
N GLN A 157 16.25 -5.12 0.67
CA GLN A 157 16.84 -6.26 0.00
C GLN A 157 16.45 -7.58 0.65
N LYS A 158 16.21 -7.62 2.00
CA LYS A 158 15.75 -8.87 2.59
C LYS A 158 14.42 -9.38 2.00
N VAL A 159 13.54 -8.43 1.65
CA VAL A 159 12.27 -8.80 1.04
C VAL A 159 12.55 -9.32 -0.37
N VAL A 160 13.33 -8.62 -1.21
CA VAL A 160 13.55 -9.04 -2.58
C VAL A 160 14.17 -10.43 -2.60
N ASP A 161 15.08 -10.74 -1.66
CA ASP A 161 15.85 -11.97 -1.71
C ASP A 161 14.98 -13.20 -1.45
N VAL A 162 13.84 -13.02 -0.76
CA VAL A 162 13.02 -14.17 -0.39
C VAL A 162 11.97 -14.45 -1.47
N LEU A 163 11.80 -13.50 -2.44
CA LEU A 163 10.68 -13.63 -3.37
C LEU A 163 10.73 -14.90 -4.24
N ASP A 164 11.92 -15.43 -4.53
CA ASP A 164 11.97 -16.66 -5.32
C ASP A 164 11.30 -17.84 -4.58
N SER A 165 11.21 -17.80 -3.24
CA SER A 165 10.60 -18.88 -2.48
C SER A 165 9.08 -18.76 -2.48
N ILE A 166 8.53 -17.61 -2.92
CA ILE A 166 7.06 -17.44 -2.89
C ILE A 166 6.61 -17.02 -4.31
N LYS A 167 7.17 -17.69 -5.33
CA LYS A 167 6.96 -17.19 -6.67
C LYS A 167 5.48 -17.22 -7.07
N THR A 168 4.74 -18.23 -6.63
CA THR A 168 3.39 -18.45 -7.12
C THR A 168 2.33 -18.29 -6.02
N LYS A 169 1.13 -18.06 -6.49
CA LYS A 169 -0.02 -17.83 -5.61
C LYS A 169 -0.22 -18.88 -4.53
N GLY A 170 -0.30 -18.41 -3.27
CA GLY A 170 -0.50 -19.31 -2.12
C GLY A 170 0.77 -19.76 -1.39
N LYS A 171 1.94 -19.49 -1.98
CA LYS A 171 3.18 -19.80 -1.29
C LYS A 171 3.48 -18.77 -0.20
N SER A 172 3.97 -19.24 0.92
CA SER A 172 4.39 -18.38 2.02
C SER A 172 5.75 -18.89 2.50
N ALA A 173 6.41 -18.04 3.28
CA ALA A 173 7.68 -18.37 3.87
C ALA A 173 7.77 -17.63 5.20
N ASP A 174 8.42 -18.25 6.17
CA ASP A 174 8.72 -17.58 7.42
C ASP A 174 9.52 -16.33 7.05
N PHE A 175 9.23 -15.28 7.83
CA PHE A 175 9.87 -14.02 7.50
C PHE A 175 9.96 -13.19 8.75
N THR A 176 10.83 -13.63 9.65
CA THR A 176 10.95 -12.98 10.94
C THR A 176 12.03 -11.90 10.95
N ASN A 177 11.99 -10.98 11.93
CA ASN A 177 12.98 -9.99 12.25
C ASN A 177 13.19 -9.00 11.10
N PHE A 178 12.12 -8.76 10.29
CA PHE A 178 12.20 -7.74 9.22
C PHE A 178 11.80 -6.43 9.86
N ASP A 179 12.65 -5.41 9.67
CA ASP A 179 12.43 -4.12 10.28
C ASP A 179 11.85 -3.12 9.30
N PRO A 180 10.55 -2.75 9.35
CA PRO A 180 9.97 -1.89 8.30
C PRO A 180 10.48 -0.46 8.40
N ARG A 181 11.22 -0.09 9.47
CA ARG A 181 11.81 1.26 9.48
C ARG A 181 12.77 1.41 8.30
N GLY A 182 13.33 0.30 7.78
CA GLY A 182 14.24 0.38 6.66
C GLY A 182 13.57 0.69 5.31
N LEU A 183 12.25 0.91 5.30
CA LEU A 183 11.51 1.23 4.12
C LEU A 183 11.05 2.68 4.10
N LEU A 184 11.39 3.49 5.13
CA LEU A 184 10.84 4.83 5.25
C LEU A 184 11.80 5.84 4.62
N PRO A 185 11.27 6.90 4.03
CA PRO A 185 12.09 8.01 3.58
C PRO A 185 12.47 8.86 4.80
N GLU A 186 13.31 9.89 4.56
CA GLU A 186 13.78 10.74 5.65
C GLU A 186 12.64 11.57 6.22
N SER A 187 11.81 12.15 5.34
CA SER A 187 10.74 13.04 5.79
C SER A 187 9.43 12.27 5.98
N LEU A 188 8.65 12.66 6.99
CA LEU A 188 7.29 12.16 7.22
C LEU A 188 6.27 13.18 6.81
N ASP A 189 6.64 14.17 6.02
CA ASP A 189 5.62 15.08 5.49
C ASP A 189 4.62 14.31 4.61
N TYR A 190 3.30 14.66 4.69
CA TYR A 190 2.29 13.80 4.08
C TYR A 190 1.10 14.60 3.54
N TRP A 191 0.38 13.90 2.67
CA TRP A 191 -1.00 14.28 2.31
C TRP A 191 -1.96 13.28 2.94
N THR A 192 -3.18 13.73 3.18
CA THR A 192 -4.14 12.79 3.76
C THR A 192 -5.55 13.06 3.22
N TYR A 193 -6.36 11.99 3.10
CA TYR A 193 -7.73 12.14 2.65
C TYR A 193 -8.46 10.85 3.02
N PRO A 194 -9.83 10.89 3.13
CA PRO A 194 -10.59 9.67 3.39
C PRO A 194 -10.83 8.85 2.15
N GLY A 195 -10.60 7.56 2.21
CA GLY A 195 -10.76 6.74 1.01
C GLY A 195 -11.10 5.30 1.34
N SER A 196 -10.59 4.42 0.49
CA SER A 196 -11.04 3.04 0.52
C SER A 196 -9.88 2.08 0.38
N LEU A 197 -10.15 0.77 0.56
CA LEU A 197 -9.25 -0.24 -0.01
C LEU A 197 -9.11 0.02 -1.48
N THR A 198 -7.93 -0.29 -2.06
CA THR A 198 -7.75 -0.16 -3.51
C THR A 198 -7.96 -1.50 -4.20
N THR A 199 -8.25 -2.56 -3.42
CA THR A 199 -8.57 -3.84 -3.99
C THR A 199 -9.97 -4.24 -3.52
N PRO A 200 -10.71 -5.09 -4.24
CA PRO A 200 -11.92 -5.70 -3.68
C PRO A 200 -11.58 -6.21 -2.27
N PRO A 201 -12.50 -6.02 -1.29
CA PRO A 201 -13.89 -5.51 -1.48
C PRO A 201 -14.09 -4.00 -1.51
N LEU A 202 -12.98 -3.24 -1.61
CA LEU A 202 -13.09 -1.82 -1.91
C LEU A 202 -13.80 -1.01 -0.82
N LEU A 203 -13.77 -1.56 0.42
CA LEU A 203 -14.52 -0.96 1.53
C LEU A 203 -13.98 0.42 1.86
N GLU A 204 -14.91 1.33 2.19
CA GLU A 204 -14.65 2.74 2.43
C GLU A 204 -14.28 3.00 3.89
N CYS A 205 -13.14 2.46 4.31
CA CYS A 205 -12.75 2.39 5.70
C CYS A 205 -11.37 2.98 5.99
N VAL A 206 -10.76 3.65 4.98
CA VAL A 206 -9.35 3.97 5.07
C VAL A 206 -9.16 5.46 5.25
N THR A 207 -8.32 5.87 6.26
CA THR A 207 -7.68 7.18 6.25
C THR A 207 -6.33 7.01 5.56
N TRP A 208 -6.20 7.56 4.36
CA TRP A 208 -4.96 7.49 3.60
C TRP A 208 -4.01 8.58 4.07
N ILE A 209 -2.74 8.14 4.25
CA ILE A 209 -1.65 9.05 4.62
C ILE A 209 -0.54 8.73 3.60
N VAL A 210 -0.30 9.65 2.65
CA VAL A 210 0.64 9.41 1.52
C VAL A 210 1.84 10.33 1.75
N LEU A 211 3.03 9.69 1.90
CA LEU A 211 4.22 10.53 2.12
C LEU A 211 4.63 11.26 0.84
N LYS A 212 5.05 12.54 1.06
CA LYS A 212 5.53 13.32 -0.08
C LYS A 212 6.82 12.79 -0.65
N GLU A 213 7.75 12.31 0.18
CA GLU A 213 9.08 11.93 -0.28
C GLU A 213 9.07 10.48 -0.70
N PRO A 214 9.40 10.18 -1.97
CA PRO A 214 9.54 8.78 -2.35
C PRO A 214 10.79 8.13 -1.77
N ILE A 215 10.83 6.81 -1.77
CA ILE A 215 12.09 6.15 -1.57
C ILE A 215 12.63 5.74 -2.93
N SER A 216 13.94 5.58 -3.05
N SER A 216 13.94 5.49 -2.96
CA SER A 216 14.54 5.06 -4.27
CA SER A 216 14.67 5.02 -4.12
C SER A 216 14.86 3.60 -4.06
C SER A 216 14.87 3.51 -4.01
N VAL A 217 14.56 2.76 -5.07
CA VAL A 217 14.93 1.36 -5.14
C VAL A 217 15.69 1.14 -6.43
N SER A 218 16.47 0.08 -6.50
CA SER A 218 17.22 -0.11 -7.74
C SER A 218 16.38 -0.81 -8.81
N SER A 219 16.85 -0.69 -10.05
N SER A 219 16.86 -0.68 -10.05
CA SER A 219 16.19 -1.42 -11.13
CA SER A 219 16.23 -1.41 -11.13
C SER A 219 16.22 -2.92 -10.88
C SER A 219 16.20 -2.90 -10.82
N GLU A 220 17.29 -3.44 -10.24
CA GLU A 220 17.38 -4.86 -9.96
C GLU A 220 16.33 -5.27 -8.92
N GLN A 221 16.11 -4.38 -7.91
CA GLN A 221 15.11 -4.71 -6.90
C GLN A 221 13.71 -4.80 -7.53
N VAL A 222 13.32 -3.81 -8.35
CA VAL A 222 11.96 -3.86 -8.91
C VAL A 222 11.86 -4.98 -9.96
N LEU A 223 12.97 -5.29 -10.65
CA LEU A 223 12.95 -6.40 -11.56
C LEU A 223 12.58 -7.70 -10.86
N LYS A 224 13.03 -7.88 -9.62
CA LYS A 224 12.71 -9.09 -8.89
C LYS A 224 11.21 -9.14 -8.53
N PHE A 225 10.58 -8.00 -8.22
CA PHE A 225 9.12 -7.99 -8.01
C PHE A 225 8.41 -8.53 -9.25
N ARG A 226 8.90 -8.16 -10.44
CA ARG A 226 8.27 -8.55 -11.70
C ARG A 226 8.48 -10.01 -12.11
N LYS A 227 9.27 -10.78 -11.34
CA LYS A 227 9.45 -12.19 -11.59
C LYS A 227 8.42 -13.02 -10.81
N LEU A 228 7.64 -12.38 -9.93
CA LEU A 228 6.59 -13.07 -9.24
C LEU A 228 5.50 -13.41 -10.24
N ASN A 229 4.62 -14.29 -9.80
CA ASN A 229 3.56 -14.85 -10.61
C ASN A 229 2.21 -14.61 -9.93
N PHE A 230 1.22 -14.23 -10.74
CA PHE A 230 -0.14 -14.18 -10.22
C PHE A 230 -0.77 -15.58 -10.15
N ASN A 231 -0.32 -16.51 -11.01
CA ASN A 231 -0.84 -17.88 -11.08
C ASN A 231 -0.28 -18.75 -9.94
N GLY A 232 -0.98 -19.87 -9.62
CA GLY A 232 -0.39 -20.88 -8.72
C GLY A 232 0.57 -21.80 -9.44
N GLU A 233 1.36 -22.56 -8.63
CA GLU A 233 2.36 -23.52 -9.11
C GLU A 233 1.63 -24.51 -10.00
N GLY A 234 2.26 -24.85 -11.15
CA GLY A 234 1.64 -25.86 -11.98
C GLY A 234 0.63 -25.27 -12.95
N GLU A 235 0.53 -23.95 -12.92
CA GLU A 235 -0.30 -23.25 -13.88
C GLU A 235 0.58 -22.43 -14.82
N PRO A 236 0.01 -22.02 -15.99
CA PRO A 236 0.69 -21.19 -16.97
C PRO A 236 1.13 -19.87 -16.33
N GLU A 237 2.30 -19.38 -16.74
CA GLU A 237 2.91 -18.26 -16.07
C GLU A 237 2.27 -16.96 -16.53
N GLU A 238 1.83 -16.17 -15.56
CA GLU A 238 1.35 -14.79 -15.74
C GLU A 238 2.14 -13.97 -14.75
N LEU A 239 3.04 -13.13 -15.30
CA LEU A 239 3.91 -12.38 -14.40
C LEU A 239 3.03 -11.44 -13.58
N MET A 240 3.39 -11.30 -12.32
CA MET A 240 2.69 -10.38 -11.45
C MET A 240 3.30 -9.01 -11.71
N VAL A 241 2.61 -8.25 -12.58
CA VAL A 241 2.96 -6.88 -12.95
C VAL A 241 1.68 -6.11 -13.15
N ASP A 242 1.76 -4.79 -12.97
CA ASP A 242 0.62 -3.93 -13.20
C ASP A 242 -0.55 -4.35 -12.31
N ASN A 243 -0.24 -4.53 -11.03
CA ASN A 243 -1.25 -4.88 -10.02
C ASN A 243 -1.72 -3.62 -9.31
N TRP A 244 -2.00 -2.55 -10.05
CA TRP A 244 -2.45 -1.26 -9.52
C TRP A 244 -3.81 -0.89 -10.07
N ARG A 245 -4.61 -0.29 -9.20
CA ARG A 245 -5.88 0.36 -9.61
C ARG A 245 -5.57 1.80 -10.03
N PRO A 246 -6.11 2.27 -11.17
CA PRO A 246 -5.91 3.67 -11.53
C PRO A 246 -6.63 4.64 -10.59
N ALA A 247 -6.28 5.92 -10.69
CA ALA A 247 -6.91 6.98 -9.92
C ALA A 247 -8.40 7.02 -10.19
N GLN A 248 -9.17 7.23 -9.11
CA GLN A 248 -10.63 7.28 -9.12
C GLN A 248 -11.07 8.71 -8.86
N PRO A 249 -12.34 9.06 -9.16
CA PRO A 249 -12.81 10.42 -9.01
C PRO A 249 -12.73 10.88 -7.56
N LEU A 250 -12.22 12.10 -7.35
CA LEU A 250 -12.12 12.70 -6.03
C LEU A 250 -13.48 12.95 -5.39
N LYS A 251 -14.48 13.31 -6.20
CA LYS A 251 -15.86 13.58 -5.74
C LYS A 251 -15.81 14.65 -4.65
N ASN A 252 -16.54 14.44 -3.55
CA ASN A 252 -16.68 15.50 -2.58
C ASN A 252 -15.61 15.41 -1.49
N ARG A 253 -14.28 15.39 -1.89
CA ARG A 253 -13.20 15.28 -0.92
C ARG A 253 -12.18 16.36 -1.13
N GLN A 254 -11.53 16.77 -0.04
CA GLN A 254 -10.38 17.67 -0.02
C GLN A 254 -9.18 16.89 0.51
N ILE A 255 -8.11 16.96 -0.24
CA ILE A 255 -6.83 16.40 0.22
C ILE A 255 -6.12 17.50 1.01
N LYS A 256 -5.64 17.10 2.21
CA LYS A 256 -4.97 17.98 3.14
C LYS A 256 -3.47 17.67 3.10
N ALA A 257 -2.66 18.70 3.26
CA ALA A 257 -1.20 18.59 3.38
C ALA A 257 -0.73 18.98 4.77
N SER A 258 0.27 18.22 5.27
CA SER A 258 0.88 18.54 6.56
C SER A 258 1.98 19.60 6.44
N PHE A 259 2.27 20.02 5.21
CA PHE A 259 3.45 20.83 4.90
C PHE A 259 3.09 21.92 3.88
N LYS A 260 3.97 22.96 3.87
CA LYS A 260 4.27 24.01 2.89
C LYS A 260 3.22 25.12 2.90
ZN ZN B . -2.29 -1.65 -1.53
C10 A1IEO C . -5.38 -7.89 -1.88
O14 A1IEO C . -3.68 -0.97 1.00
S12 A1IEO C . -4.76 -1.38 0.16
O13 A1IEO C . -5.90 -0.51 0.06
N15 A1IEO C . -4.20 -1.71 -1.28
C1 A1IEO C . -5.30 -2.87 0.92
C6 A1IEO C . -5.79 -2.89 2.24
CL7 A1IEO C . -5.88 -1.47 3.18
C5 A1IEO C . -6.20 -4.06 2.81
C4 A1IEO C . -6.29 -5.25 2.09
C3 A1IEO C . -5.87 -5.20 0.73
C2 A1IEO C . -5.35 -4.05 0.21
C8 A1IEO C . -5.99 -6.45 0.00
O11 A1IEO C . -6.90 -7.34 0.26
O9 A1IEO C . -5.28 -6.63 -1.11
NA NA D . 16.28 -15.10 -3.71
S DMS E . -3.15 -1.75 -14.38
O DMS E . -2.74 -1.92 -15.87
C1 DMS E . -4.28 -3.04 -14.05
C2 DMS E . -4.28 -0.45 -14.26
N1 BCN F . 10.77 14.53 -3.90
C1 BCN F . 9.35 14.96 -3.96
C2 BCN F . 9.28 16.39 -4.54
O21 BCN F . 10.33 17.12 -4.48
O22 BCN F . 8.18 16.74 -5.06
C3 BCN F . 11.12 13.54 -4.93
C4 BCN F . 12.60 13.53 -5.36
O4 BCN F . 13.30 12.42 -4.80
C5 BCN F . 11.23 14.27 -2.51
C6 BCN F . 11.37 15.49 -1.60
O6 BCN F . 10.31 15.56 -0.65
#